data_7ZYK
#
_entry.id   7ZYK
#
_cell.length_a   58.343
_cell.length_b   45.842
_cell.length_c   63.266
_cell.angle_alpha   90.000
_cell.angle_beta   111.380
_cell.angle_gamma   90.000
#
_symmetry.space_group_name_H-M   'P 1 21 1'
#
loop_
_entity.id
_entity.type
_entity.pdbx_description
1 polymer 'Casein kinase II subunit alpha'
2 non-polymer "ADENOSINE-5'-DIPHOSPHATE"
3 non-polymer 2-(5-bromanyl-6-chloranyl-1~{H}-indol-3-yl)ethanenitrile
4 non-polymer 'ACETATE ION'
5 water water
#
_entity_poly.entity_id   1
_entity_poly.type   'polypeptide(L)'
_entity_poly.pdbx_seq_one_letter_code
;SGPVPSRARVYTDVNTHRPSEYWDYESHVVEWGNQDDYQLVRKLGRGKYSEVFEAINITNNEKVVVKILKPVAAAKIKRE
IKILENLRGGPNIITLADIVKDPVSRTPALVFEHVNNTDFKQLYQTLTDYDIRFYMYEILKALDYCHSMGIMHRDVKPHN
VMIDHEHRKLRLIDWGLAEFYHPGQEYNVRVASRYFKGPELLVDYQMYDYSLDMWSLGCMLASMIFRKEPFFHGHDNYDQ
LVRIAKVLGTEDLYDYIDKYNIELDPRFNDILGRHSRKRWERFVHSENQHLVSPEALDFLDKLLRYDHQSRLTAREAMEH
PYFYTVVK
;
_entity_poly.pdbx_strand_id   A
#
loop_
_chem_comp.id
_chem_comp.type
_chem_comp.name
_chem_comp.formula
ACT non-polymer 'ACETATE ION' 'C2 H3 O2 -1'
ADP non-polymer ADENOSINE-5'-DIPHOSPHATE 'C10 H15 N5 O10 P2'
KEC non-polymer 2-(5-bromanyl-6-chloranyl-1~{H}-indol-3-yl)ethanenitrile 'C10 H6 Br Cl N2'
#
# COMPACT_ATOMS: atom_id res chain seq x y z
N GLY A 2 13.01 19.11 -18.81
CA GLY A 2 13.00 18.12 -17.74
C GLY A 2 11.75 17.25 -17.77
N PRO A 3 11.44 16.49 -16.69
CA PRO A 3 10.22 15.65 -16.74
C PRO A 3 8.96 16.50 -16.80
N VAL A 4 7.94 16.01 -17.49
CA VAL A 4 6.63 16.62 -17.66
C VAL A 4 5.88 16.44 -16.30
N PRO A 5 5.13 17.43 -15.80
CA PRO A 5 4.40 17.23 -14.54
C PRO A 5 3.23 16.27 -14.73
N SER A 6 2.72 15.81 -13.60
CA SER A 6 1.60 14.90 -13.52
C SER A 6 0.81 15.23 -12.30
N ARG A 7 -0.50 14.98 -12.40
N ARG A 7 -0.49 14.98 -12.35
CA ARG A 7 -1.46 15.12 -11.32
CA ARG A 7 -1.35 15.13 -11.19
C ARG A 7 -2.38 13.89 -11.29
C ARG A 7 -2.43 14.06 -11.27
N ALA A 8 -2.91 13.60 -10.11
CA ALA A 8 -3.90 12.55 -9.99
C ALA A 8 -5.13 12.93 -10.82
N ARG A 9 -5.83 11.93 -11.30
CA ARG A 9 -7.06 12.16 -12.05
C ARG A 9 -8.27 12.17 -11.11
N VAL A 10 -8.08 11.93 -9.81
CA VAL A 10 -9.14 11.94 -8.80
C VAL A 10 -8.54 12.57 -7.55
N TYR A 11 -9.41 13.16 -6.72
CA TYR A 11 -9.05 13.68 -5.42
C TYR A 11 -7.89 14.63 -5.45
N THR A 12 -7.79 15.39 -6.54
N THR A 12 -7.75 15.47 -6.48
CA THR A 12 -6.77 16.37 -6.78
CA THR A 12 -6.64 16.44 -6.51
C THR A 12 -6.84 17.55 -5.75
C THR A 12 -6.84 17.57 -5.54
N ASP A 13 -8.07 18.03 -5.41
CA ASP A 13 -8.38 19.20 -4.58
C ASP A 13 -8.72 18.93 -3.13
N VAL A 14 -8.57 17.69 -2.64
CA VAL A 14 -8.96 17.37 -1.29
C VAL A 14 -8.23 18.24 -0.26
N ASN A 15 -6.89 18.33 -0.35
CA ASN A 15 -6.14 19.04 0.68
C ASN A 15 -6.19 20.58 0.55
N THR A 16 -6.60 21.10 -0.59
CA THR A 16 -6.76 22.56 -0.65
C THR A 16 -8.10 23.00 -0.07
N HIS A 17 -9.11 22.13 -0.19
N HIS A 17 -9.11 22.14 -0.20
CA HIS A 17 -10.46 22.48 0.31
CA HIS A 17 -10.47 22.46 0.31
C HIS A 17 -10.57 22.19 1.82
C HIS A 17 -10.56 22.20 1.82
N ARG A 18 -9.76 21.26 2.32
CA ARG A 18 -9.75 20.99 3.77
C ARG A 18 -9.03 22.16 4.45
N PRO A 19 -9.27 22.44 5.74
CA PRO A 19 -8.48 23.44 6.43
C PRO A 19 -7.00 23.04 6.55
N SER A 20 -6.09 23.98 6.76
CA SER A 20 -4.62 23.71 6.83
C SER A 20 -4.31 22.80 7.99
N GLU A 21 -5.09 22.93 9.06
CA GLU A 21 -4.91 22.07 10.25
C GLU A 21 -4.95 20.61 9.82
N TYR A 22 -5.66 20.32 8.74
CA TYR A 22 -5.83 18.92 8.31
C TYR A 22 -4.52 18.29 7.81
N TRP A 23 -3.73 19.01 7.03
CA TRP A 23 -2.53 18.41 6.38
C TRP A 23 -1.20 18.99 6.89
N ASP A 24 -1.25 20.11 7.62
CA ASP A 24 -0.02 20.76 8.14
C ASP A 24 0.35 20.02 9.41
N TYR A 25 0.94 18.83 9.27
CA TYR A 25 1.18 17.95 10.44
C TYR A 25 2.20 18.56 11.42
N GLU A 26 3.11 19.37 10.92
CA GLU A 26 4.13 19.99 11.79
C GLU A 26 3.53 20.95 12.81
N SER A 27 2.37 21.55 12.47
CA SER A 27 1.71 22.47 13.39
C SER A 27 0.81 21.78 14.41
N HIS A 28 0.60 20.45 14.27
CA HIS A 28 -0.23 19.66 15.17
C HIS A 28 0.36 19.50 16.57
N VAL A 29 -0.45 19.80 17.59
CA VAL A 29 -0.05 19.63 18.99
C VAL A 29 -0.53 18.24 19.43
N VAL A 30 0.41 17.38 19.84
CA VAL A 30 0.10 15.99 20.22
C VAL A 30 -0.52 15.93 21.61
N GLU A 31 -1.66 15.20 21.74
CA GLU A 31 -2.34 15.00 23.01
C GLU A 31 -1.81 13.69 23.60
N TRP A 32 -0.88 13.81 24.57
CA TRP A 32 -0.23 12.66 25.20
C TRP A 32 -1.08 11.98 26.27
N GLY A 33 -1.22 10.66 26.16
CA GLY A 33 -1.96 9.81 27.08
C GLY A 33 -1.09 9.30 28.23
N ASN A 34 -1.64 8.39 29.04
CA ASN A 34 -0.90 7.83 30.18
C ASN A 34 -0.21 6.53 29.80
N GLN A 35 1.15 6.53 29.79
CA GLN A 35 1.90 5.31 29.45
C GLN A 35 1.59 4.12 30.42
N ASP A 36 1.25 4.41 31.69
CA ASP A 36 0.91 3.42 32.73
C ASP A 36 -0.34 2.59 32.45
N ASP A 37 -1.22 3.07 31.54
CA ASP A 37 -2.43 2.35 31.13
C ASP A 37 -2.11 1.06 30.34
N TYR A 38 -0.84 0.90 29.90
CA TYR A 38 -0.46 -0.21 29.04
C TYR A 38 0.65 -1.04 29.63
N GLN A 39 0.39 -2.35 29.72
CA GLN A 39 1.36 -3.33 30.20
C GLN A 39 1.82 -4.12 29.00
N LEU A 40 3.13 -4.05 28.67
CA LEU A 40 3.68 -4.79 27.55
C LEU A 40 3.68 -6.30 27.89
N VAL A 41 3.26 -7.13 26.94
CA VAL A 41 3.14 -8.58 27.14
C VAL A 41 4.27 -9.34 26.45
N ARG A 42 4.44 -9.09 25.14
CA ARG A 42 5.47 -9.73 24.34
C ARG A 42 5.80 -8.92 23.11
N LYS A 43 7.04 -9.03 22.68
CA LYS A 43 7.56 -8.39 21.48
C LYS A 43 7.06 -9.16 20.25
N LEU A 44 6.39 -8.47 19.32
CA LEU A 44 5.87 -9.08 18.08
C LEU A 44 6.86 -8.95 16.92
N GLY A 45 7.64 -7.89 16.91
CA GLY A 45 8.62 -7.66 15.84
C GLY A 45 9.34 -6.36 15.99
N ARG A 46 10.42 -6.21 15.24
CA ARG A 46 11.22 -4.99 15.20
C ARG A 46 11.53 -4.78 13.73
N GLY A 47 11.05 -3.67 13.20
CA GLY A 47 11.28 -3.28 11.83
C GLY A 47 12.41 -2.27 11.79
N LYS A 48 12.56 -1.56 10.67
CA LYS A 48 13.62 -0.56 10.54
C LYS A 48 13.36 0.67 11.37
N TYR A 49 12.07 0.98 11.63
CA TYR A 49 11.66 2.20 12.30
C TYR A 49 11.00 2.05 13.67
N SER A 50 10.53 0.85 14.02
CA SER A 50 9.85 0.64 15.31
C SER A 50 9.99 -0.78 15.86
N GLU A 51 9.66 -0.94 17.15
CA GLU A 51 9.62 -2.20 17.88
C GLU A 51 8.11 -2.30 18.19
N VAL A 52 7.49 -3.40 17.84
CA VAL A 52 6.07 -3.61 18.01
C VAL A 52 5.81 -4.64 19.12
N PHE A 53 4.89 -4.31 20.06
CA PHE A 53 4.58 -5.18 21.19
C PHE A 53 3.11 -5.47 21.33
N GLU A 54 2.77 -6.68 21.77
CA GLU A 54 1.41 -7.01 22.16
C GLU A 54 1.37 -6.46 23.60
N ALA A 55 0.29 -5.81 24.00
CA ALA A 55 0.15 -5.23 25.32
C ALA A 55 -1.30 -5.30 25.76
N ILE A 56 -1.55 -4.97 27.02
CA ILE A 56 -2.90 -4.95 27.59
C ILE A 56 -3.17 -3.55 28.06
N ASN A 57 -4.38 -3.03 27.73
CA ASN A 57 -4.86 -1.75 28.17
C ASN A 57 -5.52 -2.11 29.50
N ILE A 58 -4.85 -1.85 30.62
CA ILE A 58 -5.36 -2.27 31.94
C ILE A 58 -6.65 -1.51 32.39
N THR A 59 -7.04 -0.41 31.70
CA THR A 59 -8.28 0.35 32.02
C THR A 59 -9.55 -0.38 31.51
N ASN A 60 -9.40 -1.39 30.64
CA ASN A 60 -10.52 -2.16 30.09
C ASN A 60 -10.13 -3.62 29.84
N ASN A 61 -8.90 -4.01 30.24
CA ASN A 61 -8.28 -5.34 30.05
C ASN A 61 -8.34 -5.84 28.58
N GLU A 62 -8.31 -4.90 27.61
CA GLU A 62 -8.35 -5.26 26.19
C GLU A 62 -6.94 -5.29 25.63
N LYS A 63 -6.69 -6.22 24.68
CA LYS A 63 -5.42 -6.37 24.00
C LYS A 63 -5.23 -5.17 23.08
N VAL A 64 -4.02 -4.65 23.03
CA VAL A 64 -3.62 -3.56 22.13
C VAL A 64 -2.28 -3.89 21.54
N VAL A 65 -1.85 -3.10 20.56
CA VAL A 65 -0.55 -3.25 19.95
C VAL A 65 0.17 -1.93 20.15
N VAL A 66 1.39 -1.98 20.68
CA VAL A 66 2.16 -0.78 20.91
C VAL A 66 3.33 -0.75 19.95
N LYS A 67 3.49 0.35 19.19
CA LYS A 67 4.59 0.54 18.26
C LYS A 67 5.45 1.63 18.86
N ILE A 68 6.65 1.26 19.32
CA ILE A 68 7.54 2.21 19.95
C ILE A 68 8.53 2.66 18.89
N LEU A 69 8.52 3.92 18.55
CA LEU A 69 9.34 4.42 17.51
C LEU A 69 10.77 4.43 17.90
N LYS A 70 11.65 4.09 16.98
CA LYS A 70 13.07 4.17 17.25
C LYS A 70 13.50 5.65 17.12
N PRO A 71 14.55 6.04 17.86
CA PRO A 71 15.10 7.41 17.84
C PRO A 71 15.19 8.01 16.48
N VAL A 72 15.85 7.28 15.59
CA VAL A 72 16.06 7.73 14.23
C VAL A 72 14.88 8.32 13.52
N ALA A 73 13.69 7.72 13.62
CA ALA A 73 12.61 8.25 12.86
C ALA A 73 11.27 8.43 13.46
N ALA A 74 11.36 8.93 14.67
CA ALA A 74 10.26 9.49 15.41
C ALA A 74 10.07 10.95 14.90
N ALA A 75 11.08 11.53 14.24
CA ALA A 75 11.07 12.80 13.61
C ALA A 75 9.78 12.93 12.86
N LYS A 76 9.47 11.99 11.94
CA LYS A 76 8.24 12.05 11.12
C LYS A 76 7.00 11.49 11.84
N ILE A 77 6.99 11.54 13.20
CA ILE A 77 5.87 11.00 13.97
C ILE A 77 4.61 11.81 13.81
N LYS A 78 4.70 13.16 13.76
CA LYS A 78 3.51 14.00 13.64
C LYS A 78 2.79 13.70 12.33
N ARG A 79 3.52 13.28 11.27
CA ARG A 79 2.87 12.97 9.99
C ARG A 79 2.03 11.70 10.16
N GLU A 80 2.61 10.66 10.77
CA GLU A 80 1.88 9.41 11.01
C GLU A 80 0.72 9.62 11.95
N ILE A 81 0.91 10.41 13.04
CA ILE A 81 -0.17 10.69 13.98
C ILE A 81 -1.32 11.44 13.29
N LYS A 82 -0.97 12.48 12.52
CA LYS A 82 -1.99 13.27 11.83
C LYS A 82 -2.80 12.42 10.85
N ILE A 83 -2.13 11.59 10.07
CA ILE A 83 -2.80 10.69 9.11
C ILE A 83 -3.73 9.70 9.84
N LEU A 84 -3.21 9.05 10.91
CA LEU A 84 -4.01 8.12 11.68
C LEU A 84 -5.21 8.78 12.32
N GLU A 85 -5.04 10.03 12.83
CA GLU A 85 -6.17 10.75 13.43
C GLU A 85 -7.16 11.19 12.36
N ASN A 86 -6.65 11.62 11.18
CA ASN A 86 -7.55 12.01 10.09
C ASN A 86 -8.38 10.83 9.56
N LEU A 87 -7.77 9.62 9.50
CA LEU A 87 -8.46 8.46 8.98
C LEU A 87 -9.26 7.66 9.98
N ARG A 88 -9.14 7.99 11.28
CA ARG A 88 -9.75 7.20 12.34
C ARG A 88 -11.24 7.01 12.13
N GLY A 89 -11.68 5.75 12.24
CA GLY A 89 -13.08 5.37 12.05
C GLY A 89 -13.44 5.09 10.61
N GLY A 90 -12.49 5.27 9.69
CA GLY A 90 -12.69 5.00 8.27
C GLY A 90 -12.80 3.52 7.98
N PRO A 91 -13.45 3.14 6.87
CA PRO A 91 -13.57 1.73 6.55
C PRO A 91 -12.27 0.95 6.48
N ASN A 92 -12.17 -0.08 7.34
CA ASN A 92 -11.02 -0.97 7.38
C ASN A 92 -9.68 -0.30 7.64
N ILE A 93 -9.68 0.87 8.28
CA ILE A 93 -8.45 1.55 8.66
C ILE A 93 -8.14 1.19 10.12
N ILE A 94 -6.89 0.83 10.44
CA ILE A 94 -6.51 0.54 11.83
C ILE A 94 -6.80 1.74 12.73
N THR A 95 -7.32 1.46 13.96
CA THR A 95 -7.67 2.54 14.88
C THR A 95 -6.52 2.85 15.82
N LEU A 96 -6.06 4.09 15.79
CA LEU A 96 -5.07 4.58 16.73
C LEU A 96 -5.81 4.90 18.03
N ALA A 97 -5.57 4.09 19.08
CA ALA A 97 -6.23 4.23 20.40
C ALA A 97 -5.60 5.29 21.28
N ASP A 98 -4.27 5.45 21.23
CA ASP A 98 -3.57 6.41 22.09
C ASP A 98 -2.15 6.68 21.60
N ILE A 99 -1.52 7.74 22.14
CA ILE A 99 -0.17 8.19 21.85
C ILE A 99 0.43 8.50 23.22
N VAL A 100 1.49 7.78 23.58
CA VAL A 100 2.12 7.94 24.90
C VAL A 100 3.63 8.08 24.70
N LYS A 101 4.34 8.57 25.72
CA LYS A 101 5.81 8.69 25.67
C LYS A 101 6.35 7.43 26.36
N ASP A 102 7.17 6.62 25.66
CA ASP A 102 7.66 5.39 26.25
C ASP A 102 8.69 5.76 27.32
N PRO A 103 8.52 5.24 28.55
CA PRO A 103 9.44 5.63 29.64
C PRO A 103 10.88 5.16 29.46
N VAL A 104 11.12 4.14 28.62
CA VAL A 104 12.47 3.60 28.42
C VAL A 104 13.16 4.28 27.23
N SER A 105 12.53 4.25 26.04
CA SER A 105 13.10 4.83 24.82
C SER A 105 13.10 6.36 24.81
N ARG A 106 12.17 6.97 25.56
CA ARG A 106 11.89 8.41 25.64
C ARG A 106 11.39 8.91 24.27
N THR A 107 10.82 8.00 23.51
CA THR A 107 10.25 8.29 22.21
C THR A 107 8.75 8.03 22.19
N PRO A 108 8.04 8.52 21.15
CA PRO A 108 6.61 8.24 21.09
C PRO A 108 6.30 6.78 20.86
N ALA A 109 5.21 6.32 21.47
CA ALA A 109 4.67 5.00 21.31
C ALA A 109 3.19 5.11 20.89
N LEU A 110 2.88 4.58 19.70
CA LEU A 110 1.52 4.60 19.19
C LEU A 110 0.81 3.34 19.63
N VAL A 111 -0.38 3.49 20.21
CA VAL A 111 -1.17 2.37 20.71
C VAL A 111 -2.32 2.14 19.71
N PHE A 112 -2.41 0.93 19.17
CA PHE A 112 -3.43 0.55 18.19
C PHE A 112 -4.39 -0.51 18.72
N GLU A 113 -5.59 -0.59 18.14
CA GLU A 113 -6.55 -1.66 18.44
C GLU A 113 -5.89 -2.95 17.97
N HIS A 114 -6.08 -4.05 18.72
CA HIS A 114 -5.45 -5.30 18.35
C HIS A 114 -6.32 -6.00 17.33
N VAL A 115 -5.68 -6.68 16.37
CA VAL A 115 -6.39 -7.49 15.39
C VAL A 115 -5.87 -8.90 15.62
N ASN A 116 -6.77 -9.87 15.83
CA ASN A 116 -6.39 -11.27 16.01
C ASN A 116 -6.18 -11.78 14.60
N ASN A 117 -5.03 -11.45 14.04
CA ASN A 117 -4.71 -11.75 12.65
C ASN A 117 -4.44 -13.21 12.44
N THR A 118 -5.04 -13.74 11.37
CA THR A 118 -4.85 -15.11 10.92
C THR A 118 -3.44 -15.13 10.38
N ASP A 119 -2.68 -16.22 10.70
CA ASP A 119 -1.29 -16.36 10.27
C ASP A 119 -1.16 -16.11 8.76
N PHE A 120 -0.16 -15.31 8.38
CA PHE A 120 0.10 -14.88 7.00
C PHE A 120 0.21 -16.04 6.00
N LYS A 121 1.07 -17.05 6.29
CA LYS A 121 1.27 -18.20 5.40
C LYS A 121 -0.03 -18.93 5.18
N GLN A 122 -0.80 -19.09 6.26
CA GLN A 122 -2.11 -19.73 6.27
C GLN A 122 -3.05 -18.98 5.32
N LEU A 123 -3.04 -17.64 5.36
CA LEU A 123 -3.88 -16.85 4.44
C LEU A 123 -3.44 -17.07 2.99
N TYR A 124 -2.14 -16.93 2.71
CA TYR A 124 -1.62 -17.09 1.35
C TYR A 124 -1.96 -18.48 0.81
N GLN A 125 -1.82 -19.48 1.65
CA GLN A 125 -2.01 -20.85 1.22
C GLN A 125 -3.42 -21.32 1.13
N THR A 126 -4.37 -20.73 1.89
CA THR A 126 -5.70 -21.29 1.85
C THR A 126 -6.84 -20.36 1.49
N LEU A 127 -6.59 -19.05 1.27
CA LEU A 127 -7.74 -18.23 0.88
C LEU A 127 -8.28 -18.76 -0.47
N THR A 128 -9.59 -18.87 -0.62
CA THR A 128 -10.21 -19.38 -1.82
C THR A 128 -10.37 -18.26 -2.84
N ASP A 129 -10.82 -18.61 -4.05
CA ASP A 129 -11.12 -17.58 -5.06
C ASP A 129 -12.12 -16.55 -4.51
N TYR A 130 -13.18 -17.04 -3.86
CA TYR A 130 -14.19 -16.13 -3.33
C TYR A 130 -13.59 -15.25 -2.26
N ASP A 131 -12.76 -15.83 -1.37
CA ASP A 131 -12.16 -15.04 -0.29
C ASP A 131 -11.21 -13.98 -0.86
N ILE A 132 -10.46 -14.30 -1.90
CA ILE A 132 -9.56 -13.29 -2.48
C ILE A 132 -10.39 -12.09 -2.96
N ARG A 133 -11.49 -12.37 -3.66
CA ARG A 133 -12.35 -11.30 -4.13
C ARG A 133 -12.92 -10.49 -2.98
N PHE A 134 -13.42 -11.20 -1.95
CA PHE A 134 -14.01 -10.59 -0.76
C PHE A 134 -13.00 -9.66 -0.06
N TYR A 135 -11.78 -10.16 0.18
CA TYR A 135 -10.80 -9.32 0.87
C TYR A 135 -10.18 -8.24 0.01
N MET A 136 -10.06 -8.45 -1.32
CA MET A 136 -9.62 -7.38 -2.20
C MET A 136 -10.64 -6.22 -2.16
N TYR A 137 -11.94 -6.53 -2.09
CA TYR A 137 -12.98 -5.53 -2.02
C TYR A 137 -12.85 -4.73 -0.71
N GLU A 138 -12.51 -5.44 0.38
CA GLU A 138 -12.32 -4.78 1.68
C GLU A 138 -11.07 -3.83 1.64
N ILE A 139 -9.98 -4.26 0.99
N ILE A 139 -9.96 -4.26 1.02
CA ILE A 139 -8.79 -3.39 0.85
CA ILE A 139 -8.79 -3.36 0.93
C ILE A 139 -9.16 -2.16 0.03
C ILE A 139 -9.10 -2.16 0.01
N LEU A 140 -9.92 -2.35 -1.05
CA LEU A 140 -10.31 -1.24 -1.89
C LEU A 140 -11.13 -0.21 -1.12
N LYS A 141 -11.98 -0.66 -0.18
CA LYS A 141 -12.74 0.31 0.63
C LYS A 141 -11.74 1.14 1.45
N ALA A 142 -10.68 0.52 2.01
CA ALA A 142 -9.72 1.29 2.80
C ALA A 142 -8.93 2.26 1.93
N LEU A 143 -8.52 1.80 0.71
CA LEU A 143 -7.73 2.66 -0.16
C LEU A 143 -8.58 3.79 -0.73
N ASP A 144 -9.80 3.50 -1.18
CA ASP A 144 -10.61 4.63 -1.65
C ASP A 144 -10.83 5.63 -0.53
N TYR A 145 -11.02 5.14 0.72
CA TYR A 145 -11.25 6.09 1.80
C TYR A 145 -10.01 6.95 2.02
N CYS A 146 -8.77 6.35 2.15
N CYS A 146 -8.86 6.28 2.11
CA CYS A 146 -7.60 7.22 2.39
CA CYS A 146 -7.57 6.91 2.29
C CYS A 146 -7.28 8.12 1.20
C CYS A 146 -7.36 8.00 1.22
N HIS A 147 -7.52 7.63 -0.06
CA HIS A 147 -7.31 8.51 -1.19
C HIS A 147 -8.31 9.65 -1.19
N SER A 148 -9.57 9.37 -0.85
CA SER A 148 -10.62 10.41 -0.82
C SER A 148 -10.33 11.41 0.28
N MET A 149 -9.49 11.04 1.25
CA MET A 149 -9.09 11.88 2.37
C MET A 149 -7.76 12.53 2.07
N GLY A 150 -7.30 12.47 0.83
CA GLY A 150 -6.08 13.16 0.45
C GLY A 150 -4.79 12.51 0.91
N ILE A 151 -4.83 11.18 1.14
CA ILE A 151 -3.64 10.49 1.61
C ILE A 151 -3.30 9.29 0.76
N MET A 152 -2.00 9.08 0.56
CA MET A 152 -1.50 7.88 -0.11
C MET A 152 -0.78 7.04 0.92
N HIS A 153 -1.03 5.74 0.90
CA HIS A 153 -0.45 4.82 1.90
C HIS A 153 1.02 4.60 1.62
N ARG A 154 1.37 4.34 0.39
CA ARG A 154 2.79 4.12 -0.05
C ARG A 154 3.54 2.89 0.45
N ASP A 155 2.85 1.96 1.07
CA ASP A 155 3.45 0.70 1.52
C ASP A 155 2.44 -0.40 1.53
N VAL A 156 1.63 -0.46 0.48
CA VAL A 156 0.64 -1.53 0.38
C VAL A 156 1.41 -2.82 0.04
N LYS A 157 1.19 -3.85 0.86
CA LYS A 157 1.85 -5.15 0.73
C LYS A 157 1.09 -6.07 1.69
N PRO A 158 1.18 -7.39 1.50
CA PRO A 158 0.39 -8.30 2.35
C PRO A 158 0.64 -8.20 3.85
N HIS A 159 1.90 -7.95 4.26
CA HIS A 159 2.17 -7.83 5.69
C HIS A 159 1.56 -6.59 6.31
N ASN A 160 1.14 -5.62 5.49
CA ASN A 160 0.47 -4.42 5.99
C ASN A 160 -1.05 -4.53 5.91
N VAL A 161 -1.55 -5.72 5.59
CA VAL A 161 -2.99 -5.95 5.52
C VAL A 161 -3.29 -7.10 6.44
N MET A 162 -3.87 -6.79 7.64
N MET A 162 -3.82 -6.81 7.60
CA MET A 162 -4.23 -7.68 8.77
CA MET A 162 -4.12 -7.89 8.51
C MET A 162 -5.63 -8.30 8.62
C MET A 162 -5.52 -8.35 8.28
N ILE A 163 -5.72 -9.66 8.41
CA ILE A 163 -7.01 -10.31 8.22
C ILE A 163 -7.30 -11.22 9.41
N ASP A 164 -8.44 -11.01 10.05
CA ASP A 164 -8.99 -11.88 11.09
C ASP A 164 -10.07 -12.66 10.32
N HIS A 165 -9.66 -13.80 9.79
CA HIS A 165 -10.48 -14.61 8.91
C HIS A 165 -11.79 -15.15 9.52
N GLU A 166 -11.81 -15.43 10.83
CA GLU A 166 -13.01 -15.92 11.55
C GLU A 166 -14.13 -14.88 11.52
N HIS A 167 -13.75 -13.61 11.73
CA HIS A 167 -14.67 -12.49 11.76
C HIS A 167 -14.78 -11.78 10.42
N ARG A 168 -14.09 -12.31 9.40
CA ARG A 168 -14.08 -11.79 8.01
C ARG A 168 -13.77 -10.29 8.03
N LYS A 169 -12.78 -9.95 8.89
CA LYS A 169 -12.33 -8.60 9.24
C LYS A 169 -10.97 -8.32 8.64
N LEU A 170 -10.82 -7.13 8.04
CA LEU A 170 -9.54 -6.71 7.46
C LEU A 170 -9.16 -5.32 7.97
N ARG A 171 -7.86 -5.09 8.25
CA ARG A 171 -7.36 -3.75 8.58
C ARG A 171 -6.11 -3.46 7.82
N LEU A 172 -6.04 -2.23 7.26
CA LEU A 172 -4.87 -1.71 6.62
C LEU A 172 -4.04 -1.02 7.72
N ILE A 173 -2.80 -1.46 7.91
CA ILE A 173 -1.90 -0.97 8.97
C ILE A 173 -0.66 -0.34 8.40
N ASP A 174 0.22 0.12 9.32
CA ASP A 174 1.55 0.63 9.04
C ASP A 174 1.51 1.84 8.14
N TRP A 175 1.08 2.95 8.75
CA TRP A 175 0.92 4.25 8.11
C TRP A 175 2.19 5.11 8.22
N GLY A 176 3.31 4.51 8.61
CA GLY A 176 4.57 5.26 8.74
C GLY A 176 5.15 5.84 7.49
N LEU A 177 4.78 5.32 6.32
CA LEU A 177 5.24 5.86 5.07
C LEU A 177 4.16 6.69 4.37
N ALA A 178 2.98 6.78 4.94
CA ALA A 178 1.86 7.49 4.30
C ALA A 178 2.16 8.96 4.18
N GLU A 179 1.63 9.59 3.14
CA GLU A 179 1.83 11.01 2.93
C GLU A 179 0.55 11.67 2.41
N PHE A 180 0.46 12.97 2.62
CA PHE A 180 -0.61 13.79 2.08
C PHE A 180 -0.30 14.08 0.64
N TYR A 181 -1.30 13.94 -0.22
CA TYR A 181 -1.13 14.24 -1.62
C TYR A 181 -1.41 15.72 -1.91
N HIS A 182 -0.43 16.39 -2.51
CA HIS A 182 -0.56 17.79 -2.92
C HIS A 182 -0.14 17.82 -4.37
N PRO A 183 -1.05 18.22 -5.27
CA PRO A 183 -0.70 18.25 -6.69
C PRO A 183 0.56 19.05 -6.95
N GLY A 184 1.43 18.49 -7.78
CA GLY A 184 2.69 19.11 -8.16
C GLY A 184 3.84 18.87 -7.20
N GLN A 185 3.58 18.24 -6.06
CA GLN A 185 4.65 17.96 -5.09
C GLN A 185 5.53 16.81 -5.57
N GLU A 186 6.83 16.98 -5.42
CA GLU A 186 7.79 15.92 -5.73
C GLU A 186 8.05 15.12 -4.48
N TYR A 187 7.82 13.83 -4.55
CA TYR A 187 7.95 12.98 -3.40
C TYR A 187 9.20 12.14 -3.49
N ASN A 188 9.55 11.56 -2.34
CA ASN A 188 10.70 10.66 -2.28
C ASN A 188 10.30 9.32 -2.93
N VAL A 189 11.13 8.81 -3.85
CA VAL A 189 10.83 7.55 -4.53
C VAL A 189 11.24 6.33 -3.70
N ARG A 190 11.95 6.55 -2.56
CA ARG A 190 12.38 5.47 -1.68
C ARG A 190 11.25 5.13 -0.69
N VAL A 191 10.16 4.68 -1.24
CA VAL A 191 8.97 4.25 -0.53
C VAL A 191 8.56 2.90 -1.11
N ALA A 192 7.68 2.23 -0.39
CA ALA A 192 7.17 0.86 -0.66
C ALA A 192 8.27 -0.20 -0.57
N SER A 193 7.83 -1.42 -0.51
N SER A 193 7.83 -1.41 -0.52
CA SER A 193 8.79 -2.53 -0.47
CA SER A 193 8.77 -2.53 -0.46
C SER A 193 9.18 -2.89 -1.90
C SER A 193 9.18 -2.90 -1.90
N ARG A 194 10.43 -3.33 -2.09
CA ARG A 194 10.94 -3.68 -3.43
C ARG A 194 10.02 -4.37 -4.42
N TYR A 195 9.36 -5.42 -3.98
CA TYR A 195 8.50 -6.18 -4.91
C TYR A 195 7.20 -5.48 -5.27
N PHE A 196 6.83 -4.46 -4.51
CA PHE A 196 5.58 -3.70 -4.67
C PHE A 196 5.81 -2.27 -5.19
N LYS A 197 7.03 -1.95 -5.52
CA LYS A 197 7.35 -0.63 -6.02
C LYS A 197 6.83 -0.43 -7.42
N GLY A 198 6.13 0.66 -7.65
CA GLY A 198 5.62 0.96 -8.99
C GLY A 198 6.72 1.41 -9.94
N PRO A 199 6.48 1.28 -11.24
CA PRO A 199 7.46 1.75 -12.23
C PRO A 199 7.85 3.21 -12.05
N GLU A 200 6.93 4.08 -11.54
CA GLU A 200 7.26 5.48 -11.33
C GLU A 200 8.41 5.60 -10.32
N LEU A 201 8.45 4.77 -9.30
CA LEU A 201 9.55 4.80 -8.36
C LEU A 201 10.86 4.26 -8.95
N LEU A 202 10.75 3.22 -9.75
CA LEU A 202 11.90 2.55 -10.32
C LEU A 202 12.58 3.34 -11.40
N VAL A 203 11.83 4.24 -12.07
CA VAL A 203 12.38 5.12 -13.10
C VAL A 203 12.67 6.50 -12.50
N ASP A 204 12.47 6.70 -11.18
CA ASP A 204 12.77 7.94 -10.46
C ASP A 204 11.89 9.11 -10.90
N TYR A 205 10.58 8.87 -11.03
CA TYR A 205 9.63 9.93 -11.37
C TYR A 205 8.98 10.34 -10.05
N GLN A 206 9.30 11.55 -9.58
CA GLN A 206 8.88 11.96 -8.27
C GLN A 206 7.44 12.52 -8.11
N MET A 207 6.78 12.88 -9.22
CA MET A 207 5.48 13.54 -9.08
C MET A 207 4.33 12.52 -9.15
N TYR A 208 4.40 11.52 -8.29
CA TYR A 208 3.45 10.42 -8.27
C TYR A 208 2.29 10.72 -7.35
N ASP A 209 1.33 9.80 -7.26
CA ASP A 209 0.11 10.09 -6.52
C ASP A 209 -0.52 8.80 -5.97
N TYR A 210 -1.83 8.82 -5.65
CA TYR A 210 -2.56 7.68 -5.11
C TYR A 210 -2.42 6.40 -5.92
N SER A 211 -2.29 6.54 -7.25
CA SER A 211 -2.15 5.40 -8.14
C SER A 211 -0.96 4.49 -7.87
N LEU A 212 0.04 4.94 -7.10
CA LEU A 212 1.11 4.05 -6.70
C LEU A 212 0.52 2.87 -5.86
N ASP A 213 -0.44 3.19 -5.00
CA ASP A 213 -1.06 2.16 -4.18
C ASP A 213 -1.79 1.14 -5.02
N MET A 214 -2.30 1.53 -6.22
CA MET A 214 -3.05 0.61 -7.06
C MET A 214 -2.09 -0.35 -7.77
N TRP A 215 -0.87 0.11 -8.14
CA TRP A 215 0.16 -0.81 -8.63
C TRP A 215 0.48 -1.82 -7.53
N SER A 216 0.78 -1.37 -6.34
CA SER A 216 1.15 -2.28 -5.24
C SER A 216 0.05 -3.32 -5.03
N LEU A 217 -1.21 -2.88 -5.04
CA LEU A 217 -2.36 -3.79 -4.91
C LEU A 217 -2.38 -4.82 -6.02
N GLY A 218 -2.08 -4.40 -7.25
CA GLY A 218 -2.03 -5.36 -8.37
C GLY A 218 -0.91 -6.39 -8.17
N CYS A 219 0.23 -6.00 -7.61
CA CYS A 219 1.30 -6.99 -7.34
C CYS A 219 0.79 -8.02 -6.32
N MET A 220 0.02 -7.56 -5.34
CA MET A 220 -0.51 -8.46 -4.32
C MET A 220 -1.47 -9.44 -4.97
N LEU A 221 -2.38 -8.91 -5.76
CA LEU A 221 -3.33 -9.77 -6.43
C LEU A 221 -2.64 -10.78 -7.35
N ALA A 222 -1.62 -10.33 -8.13
CA ALA A 222 -0.96 -11.25 -9.05
C ALA A 222 -0.30 -12.39 -8.29
N SER A 223 0.34 -12.10 -7.17
N SER A 223 0.35 -12.12 -7.19
CA SER A 223 1.01 -13.11 -6.35
CA SER A 223 0.99 -13.18 -6.42
C SER A 223 0.00 -14.13 -5.79
C SER A 223 -0.06 -14.16 -5.91
N MET A 224 -1.18 -13.65 -5.38
CA MET A 224 -2.22 -14.51 -4.85
C MET A 224 -2.83 -15.41 -5.87
N ILE A 225 -3.29 -14.87 -7.01
CA ILE A 225 -4.01 -15.67 -8.00
C ILE A 225 -3.11 -16.60 -8.79
N PHE A 226 -1.86 -16.20 -9.00
CA PHE A 226 -0.92 -17.03 -9.75
C PHE A 226 -0.06 -17.91 -8.89
N ARG A 227 -0.15 -17.79 -7.56
CA ARG A 227 0.65 -18.63 -6.64
C ARG A 227 2.13 -18.43 -6.92
N LYS A 228 2.56 -17.19 -6.97
CA LYS A 228 3.94 -16.84 -7.28
C LYS A 228 4.31 -15.72 -6.33
N GLU A 229 5.06 -16.01 -5.27
CA GLU A 229 5.38 -15.01 -4.27
C GLU A 229 6.90 -14.69 -4.24
N PRO A 230 7.29 -13.48 -4.64
CA PRO A 230 6.45 -12.38 -5.14
C PRO A 230 6.23 -12.57 -6.64
N PHE A 231 5.30 -11.81 -7.23
CA PHE A 231 5.09 -11.94 -8.64
C PHE A 231 6.29 -11.37 -9.44
N PHE A 232 6.76 -10.18 -9.08
CA PHE A 232 7.92 -9.56 -9.74
C PHE A 232 9.07 -9.64 -8.76
N HIS A 233 9.97 -10.63 -9.02
CA HIS A 233 11.02 -10.97 -8.07
C HIS A 233 12.38 -10.41 -8.43
N GLY A 234 12.52 -9.11 -8.29
CA GLY A 234 13.77 -8.40 -8.58
C GLY A 234 14.83 -8.67 -7.54
N HIS A 235 16.07 -8.77 -8.01
CA HIS A 235 17.22 -8.98 -7.12
C HIS A 235 17.57 -7.67 -6.40
N ASP A 236 17.25 -6.54 -7.02
CA ASP A 236 17.47 -5.19 -6.50
C ASP A 236 16.49 -4.26 -7.23
N ASN A 237 16.53 -2.92 -6.97
CA ASN A 237 15.59 -1.98 -7.60
C ASN A 237 15.70 -1.93 -9.13
N TYR A 238 16.92 -2.14 -9.69
CA TYR A 238 17.10 -2.13 -11.14
C TYR A 238 16.53 -3.38 -11.77
N ASP A 239 16.89 -4.53 -11.18
CA ASP A 239 16.37 -5.78 -11.69
C ASP A 239 14.85 -5.87 -11.52
N GLN A 240 14.31 -5.14 -10.54
CA GLN A 240 12.86 -5.10 -10.33
C GLN A 240 12.17 -4.56 -11.57
N LEU A 241 12.70 -3.50 -12.17
CA LEU A 241 12.12 -2.98 -13.41
C LEU A 241 12.26 -3.97 -14.56
N VAL A 242 13.40 -4.69 -14.62
CA VAL A 242 13.60 -5.67 -15.68
C VAL A 242 12.57 -6.80 -15.53
N ARG A 243 12.31 -7.25 -14.29
CA ARG A 243 11.30 -8.30 -14.07
C ARG A 243 9.90 -7.85 -14.52
N ILE A 244 9.59 -6.56 -14.31
CA ILE A 244 8.32 -6.01 -14.77
C ILE A 244 8.29 -5.99 -16.29
N ALA A 245 9.40 -5.53 -16.92
CA ALA A 245 9.45 -5.43 -18.38
C ALA A 245 9.38 -6.79 -19.06
N LYS A 246 9.80 -7.85 -18.39
CA LYS A 246 9.68 -9.20 -18.97
C LYS A 246 8.21 -9.67 -19.05
N VAL A 247 7.32 -9.01 -18.34
CA VAL A 247 5.90 -9.34 -18.34
C VAL A 247 5.15 -8.30 -19.15
N LEU A 248 5.35 -7.00 -18.88
CA LEU A 248 4.58 -5.93 -19.53
C LEU A 248 5.16 -5.46 -20.84
N GLY A 249 6.41 -5.86 -21.13
CA GLY A 249 7.06 -5.48 -22.37
C GLY A 249 7.88 -4.23 -22.26
N THR A 250 8.85 -4.08 -23.15
CA THR A 250 9.68 -2.87 -23.10
C THR A 250 9.12 -1.69 -23.90
N GLU A 251 8.32 -1.93 -24.94
N GLU A 251 8.29 -1.97 -24.93
CA GLU A 251 7.80 -0.82 -25.75
CA GLU A 251 7.67 -0.96 -25.82
C GLU A 251 6.87 0.09 -24.94
C GLU A 251 6.84 0.03 -25.00
N ASP A 252 5.94 -0.49 -24.13
CA ASP A 252 5.09 0.35 -23.30
C ASP A 252 5.93 1.04 -22.23
N LEU A 253 7.05 0.46 -21.78
CA LEU A 253 7.93 1.12 -20.85
C LEU A 253 8.55 2.37 -21.49
N TYR A 254 9.05 2.24 -22.74
CA TYR A 254 9.65 3.37 -23.41
C TYR A 254 8.60 4.40 -23.77
N ASP A 255 7.34 3.99 -24.06
CA ASP A 255 6.30 4.98 -24.30
C ASP A 255 6.03 5.79 -23.05
N TYR A 256 5.99 5.14 -21.88
CA TYR A 256 5.79 5.76 -20.57
C TYR A 256 6.88 6.78 -20.30
N ILE A 257 8.14 6.36 -20.45
CA ILE A 257 9.31 7.24 -20.29
C ILE A 257 9.20 8.44 -21.26
N ASP A 258 8.83 8.21 -22.51
CA ASP A 258 8.72 9.29 -23.51
C ASP A 258 7.60 10.28 -23.09
N LYS A 259 6.41 9.77 -22.73
CA LYS A 259 5.26 10.60 -22.34
C LYS A 259 5.66 11.57 -21.23
N TYR A 260 6.36 11.10 -20.18
CA TYR A 260 6.67 11.96 -19.06
C TYR A 260 8.02 12.60 -19.18
N ASN A 261 8.67 12.42 -20.35
CA ASN A 261 10.01 13.05 -20.60
C ASN A 261 11.01 12.68 -19.53
N ILE A 262 10.97 11.39 -19.11
CA ILE A 262 11.88 10.89 -18.07
C ILE A 262 13.26 10.57 -18.64
N GLU A 263 14.32 10.85 -17.86
CA GLU A 263 15.71 10.53 -18.21
C GLU A 263 15.96 9.16 -17.52
N LEU A 264 15.91 8.06 -18.30
CA LEU A 264 16.14 6.73 -17.74
C LEU A 264 17.61 6.55 -17.31
N ASP A 265 17.85 5.99 -16.11
CA ASP A 265 19.22 5.73 -15.60
C ASP A 265 19.97 4.93 -16.68
N PRO A 266 21.17 5.41 -17.17
CA PRO A 266 21.90 4.66 -18.21
C PRO A 266 22.24 3.22 -17.83
N ARG A 267 22.25 2.87 -16.51
CA ARG A 267 22.46 1.50 -15.98
C ARG A 267 21.49 0.52 -16.69
N PHE A 268 20.28 1.01 -17.08
CA PHE A 268 19.26 0.15 -17.72
C PHE A 268 19.56 -0.25 -19.16
N ASN A 269 20.45 0.48 -19.85
CA ASN A 269 20.76 0.18 -21.25
C ASN A 269 21.32 -1.22 -21.46
N ASP A 270 22.10 -1.73 -20.51
CA ASP A 270 22.69 -3.05 -20.67
C ASP A 270 21.87 -4.20 -20.07
N ILE A 271 20.79 -3.91 -19.33
CA ILE A 271 20.02 -4.97 -18.66
C ILE A 271 18.53 -5.07 -19.05
N LEU A 272 17.93 -4.01 -19.63
CA LEU A 272 16.50 -4.08 -19.94
C LEU A 272 16.14 -5.02 -21.07
N GLY A 273 17.00 -5.13 -22.07
CA GLY A 273 16.71 -5.96 -23.23
C GLY A 273 15.47 -5.51 -24.01
N ARG A 274 14.93 -6.38 -24.83
CA ARG A 274 13.72 -6.11 -25.61
C ARG A 274 12.77 -7.24 -25.35
N HIS A 275 11.59 -6.89 -24.83
CA HIS A 275 10.61 -7.89 -24.45
C HIS A 275 9.25 -7.47 -24.91
N SER A 276 8.44 -8.45 -25.34
N SER A 276 8.46 -8.43 -25.34
CA SER A 276 7.06 -8.22 -25.72
CA SER A 276 7.10 -8.11 -25.67
C SER A 276 6.16 -8.60 -24.57
C SER A 276 6.26 -8.40 -24.41
N ARG A 277 5.06 -7.84 -24.39
CA ARG A 277 4.09 -8.10 -23.35
C ARG A 277 3.66 -9.56 -23.46
N LYS A 278 3.55 -10.22 -22.32
CA LYS A 278 3.06 -11.58 -22.26
C LYS A 278 1.58 -11.58 -21.95
N ARG A 279 0.82 -12.47 -22.59
CA ARG A 279 -0.60 -12.58 -22.28
C ARG A 279 -0.73 -13.20 -20.91
N TRP A 280 -1.64 -12.67 -20.08
CA TRP A 280 -1.79 -13.15 -18.68
C TRP A 280 -1.99 -14.67 -18.57
N GLU A 281 -2.57 -15.33 -19.58
N GLU A 281 -2.55 -15.32 -19.61
CA GLU A 281 -2.78 -16.80 -19.54
CA GLU A 281 -2.77 -16.78 -19.66
C GLU A 281 -1.45 -17.60 -19.50
C GLU A 281 -1.47 -17.58 -19.53
N ARG A 282 -0.33 -16.97 -19.89
CA ARG A 282 1.02 -17.60 -19.83
C ARG A 282 1.38 -17.93 -18.36
N PHE A 283 0.73 -17.27 -17.37
CA PHE A 283 1.04 -17.54 -15.96
C PHE A 283 0.09 -18.56 -15.32
N VAL A 284 -0.89 -19.02 -16.06
CA VAL A 284 -1.86 -19.98 -15.55
C VAL A 284 -1.29 -21.38 -15.66
N HIS A 285 -1.52 -22.21 -14.62
CA HIS A 285 -1.08 -23.60 -14.63
C HIS A 285 -2.04 -24.38 -13.73
N SER A 286 -1.84 -25.69 -13.66
CA SER A 286 -2.76 -26.56 -12.97
C SER A 286 -2.93 -26.23 -11.48
N GLU A 287 -1.89 -25.71 -10.82
CA GLU A 287 -1.84 -25.35 -9.40
C GLU A 287 -2.43 -23.95 -9.07
N ASN A 288 -2.74 -23.10 -10.08
CA ASN A 288 -3.39 -21.80 -9.79
C ASN A 288 -4.70 -21.65 -10.54
N GLN A 289 -5.10 -22.64 -11.36
CA GLN A 289 -6.29 -22.53 -12.18
C GLN A 289 -7.54 -22.19 -11.32
N HIS A 290 -7.63 -22.76 -10.11
CA HIS A 290 -8.75 -22.54 -9.19
C HIS A 290 -8.92 -21.07 -8.75
N LEU A 291 -7.88 -20.22 -8.97
CA LEU A 291 -7.90 -18.80 -8.55
C LEU A 291 -8.01 -17.82 -9.71
N VAL A 292 -7.95 -18.32 -10.91
CA VAL A 292 -7.92 -17.50 -12.09
C VAL A 292 -9.26 -17.59 -12.77
N SER A 293 -9.66 -16.47 -13.36
CA SER A 293 -10.88 -16.30 -14.15
C SER A 293 -10.63 -15.20 -15.15
N PRO A 294 -11.42 -15.11 -16.23
CA PRO A 294 -11.25 -14.01 -17.18
C PRO A 294 -11.38 -12.65 -16.45
N GLU A 295 -12.32 -12.55 -15.47
CA GLU A 295 -12.55 -11.29 -14.73
C GLU A 295 -11.34 -10.96 -13.86
N ALA A 296 -10.69 -11.94 -13.21
CA ALA A 296 -9.49 -11.64 -12.42
C ALA A 296 -8.41 -11.09 -13.32
N LEU A 297 -8.21 -11.73 -14.49
CA LEU A 297 -7.16 -11.33 -15.42
C LEU A 297 -7.43 -9.95 -15.97
N ASP A 298 -8.68 -9.64 -16.31
CA ASP A 298 -8.99 -8.32 -16.80
C ASP A 298 -8.73 -7.25 -15.73
N PHE A 299 -9.16 -7.52 -14.50
CA PHE A 299 -8.92 -6.64 -13.36
C PHE A 299 -7.43 -6.39 -13.17
N LEU A 300 -6.65 -7.47 -13.13
CA LEU A 300 -5.22 -7.35 -12.96
C LEU A 300 -4.59 -6.52 -14.07
N ASP A 301 -5.02 -6.73 -15.31
CA ASP A 301 -4.49 -6.00 -16.44
C ASP A 301 -4.70 -4.49 -16.31
N LYS A 302 -5.75 -4.09 -15.61
CA LYS A 302 -6.11 -2.68 -15.43
C LYS A 302 -5.41 -2.04 -14.25
N LEU A 303 -4.78 -2.83 -13.37
CA LEU A 303 -4.00 -2.29 -12.27
C LEU A 303 -2.52 -2.19 -12.64
N LEU A 304 -2.02 -3.24 -13.32
CA LEU A 304 -0.60 -3.36 -13.63
C LEU A 304 -0.24 -2.69 -14.95
N ARG A 305 -0.30 -1.37 -14.97
CA ARG A 305 0.06 -0.58 -16.13
C ARG A 305 1.19 0.34 -15.80
N TYR A 306 2.12 0.52 -16.74
CA TYR A 306 3.21 1.45 -16.46
C TYR A 306 2.72 2.85 -16.18
N ASP A 307 1.83 3.37 -17.06
CA ASP A 307 1.36 4.73 -16.90
C ASP A 307 0.46 4.84 -15.69
N HIS A 308 0.97 5.47 -14.66
CA HIS A 308 0.24 5.66 -13.42
C HIS A 308 -1.12 6.35 -13.60
N GLN A 309 -1.27 7.19 -14.63
CA GLN A 309 -2.53 7.88 -14.90
C GLN A 309 -3.59 6.98 -15.55
N SER A 310 -3.15 5.82 -16.06
N SER A 310 -3.17 5.83 -16.06
CA SER A 310 -3.98 4.85 -16.77
CA SER A 310 -4.07 4.91 -16.74
C SER A 310 -4.51 3.71 -15.93
C SER A 310 -4.63 3.81 -15.87
N ARG A 311 -4.05 3.61 -14.68
CA ARG A 311 -4.50 2.53 -13.81
C ARG A 311 -5.89 2.80 -13.30
N LEU A 312 -6.61 1.73 -12.95
CA LEU A 312 -7.92 1.93 -12.28
C LEU A 312 -7.69 2.66 -10.97
N THR A 313 -8.60 3.55 -10.63
CA THR A 313 -8.64 4.12 -9.27
C THR A 313 -9.33 3.13 -8.36
N ALA A 314 -9.22 3.33 -7.04
CA ALA A 314 -9.86 2.39 -6.13
C ALA A 314 -11.36 2.29 -6.31
N ARG A 315 -12.00 3.44 -6.52
CA ARG A 315 -13.45 3.45 -6.67
C ARG A 315 -13.86 2.79 -7.99
N GLU A 316 -13.14 3.04 -9.11
CA GLU A 316 -13.44 2.34 -10.37
C GLU A 316 -13.23 0.84 -10.19
N ALA A 317 -12.16 0.44 -9.49
CA ALA A 317 -11.89 -0.98 -9.27
C ALA A 317 -13.06 -1.68 -8.57
N MET A 318 -13.75 -0.99 -7.66
N MET A 318 -13.73 -1.00 -7.65
CA MET A 318 -14.88 -1.57 -6.92
CA MET A 318 -14.84 -1.56 -6.90
C MET A 318 -16.05 -1.90 -7.80
C MET A 318 -16.04 -1.89 -7.79
N GLU A 319 -16.12 -1.23 -8.96
CA GLU A 319 -17.13 -1.42 -9.97
C GLU A 319 -16.83 -2.61 -10.87
N HIS A 320 -15.63 -3.22 -10.74
CA HIS A 320 -15.25 -4.22 -11.73
C HIS A 320 -16.02 -5.53 -11.59
N PRO A 321 -16.30 -6.20 -12.74
CA PRO A 321 -16.95 -7.52 -12.70
C PRO A 321 -16.34 -8.59 -11.79
N TYR A 322 -15.03 -8.49 -11.51
CA TYR A 322 -14.42 -9.44 -10.60
C TYR A 322 -15.12 -9.46 -9.23
N PHE A 323 -15.81 -8.38 -8.84
CA PHE A 323 -16.46 -8.31 -7.55
C PHE A 323 -17.94 -8.57 -7.60
N TYR A 324 -18.49 -8.89 -8.81
CA TYR A 324 -19.93 -9.11 -8.87
C TYR A 324 -20.40 -10.27 -8.00
N THR A 325 -19.56 -11.30 -7.80
CA THR A 325 -19.91 -12.44 -6.99
C THR A 325 -19.83 -12.19 -5.48
N VAL A 326 -19.15 -11.09 -5.06
CA VAL A 326 -18.99 -10.81 -3.65
C VAL A 326 -20.30 -10.30 -3.06
N VAL A 327 -20.76 -10.91 -1.94
CA VAL A 327 -21.98 -10.44 -1.24
C VAL A 327 -21.79 -9.03 -0.71
N LYS A 328 -22.68 -8.11 -1.11
CA LYS A 328 -22.65 -6.72 -0.62
C LYS A 328 -23.91 -6.40 0.19
PB ADP B . 4.41 -4.19 9.06
O1B ADP B . 5.47 -4.76 9.97
O2B ADP B . 4.99 -3.39 7.93
O3B ADP B . 3.42 -5.24 8.63
PA ADP B . 3.96 -2.64 11.41
O1A ADP B . 5.42 -2.37 11.51
O2A ADP B . 3.02 -1.53 11.74
O3A ADP B . 3.62 -3.12 9.93
O5' ADP B . 3.60 -3.97 12.23
C5' ADP B . 4.70 -4.58 12.96
C4' ADP B . 4.38 -5.99 13.42
O4' ADP B . 3.33 -5.96 14.39
C3' ADP B . 3.95 -7.00 12.35
O3' ADP B . 4.54 -8.27 12.62
C2' ADP B . 2.42 -7.04 12.48
O2' ADP B . 1.92 -8.34 12.24
C1' ADP B . 2.18 -6.63 13.93
N9 ADP B . 1.06 -5.73 14.12
C8 ADP B . 1.06 -4.38 13.88
N7 ADP B . -0.07 -3.80 14.16
C5 ADP B . -0.88 -4.82 14.62
C6 ADP B . -2.22 -4.85 15.08
N6 ADP B . -2.98 -3.77 15.18
N1 ADP B . -2.71 -6.04 15.49
C2 ADP B . -1.93 -7.11 15.42
N3 ADP B . -0.67 -7.21 15.00
C4 ADP B . -0.19 -6.02 14.60
C1 KEC C . -4.69 -9.22 2.14
C2 KEC C . -3.69 -10.10 2.58
C3 KEC C . -2.02 -11.13 3.63
C4 KEC C . -2.32 -11.93 2.56
C5 KEC C . -1.60 -13.14 2.13
C6 KEC C . -0.83 -12.82 0.95
C7 KEC C . -3.41 -11.30 1.88
N1 KEC C . -0.37 -12.51 -0.05
C8 KEC C . -4.18 -11.62 0.76
BR KEC C . -6.29 -11.29 -1.10
C9 KEC C . -5.19 -10.76 0.35
C KEC C . -5.42 -9.57 1.02
CL KEC C . -6.63 -8.48 0.43
N KEC C . -2.83 -10.04 3.64
C ACT D . 4.82 1.92 26.69
O ACT D . 5.36 2.41 25.69
OXT ACT D . 5.43 1.44 27.68
CH3 ACT D . 3.29 1.91 26.69
C ACT E . 9.74 10.31 3.23
O ACT E . 10.01 11.34 3.89
OXT ACT E . 8.72 10.15 2.59
CH3 ACT E . 10.76 9.13 3.19
C ACT F . 8.17 12.90 0.72
O ACT F . 8.10 11.76 0.14
OXT ACT F . 7.29 13.45 1.46
CH3 ACT F . 9.43 13.75 0.43
C ACT G . -15.51 -16.69 -12.50
O ACT G . -15.35 -17.64 -11.68
OXT ACT G . -15.52 -15.44 -12.22
CH3 ACT G . -15.70 -17.09 -13.99
#